data_4F62
#
_entry.id   4F62
#
_cell.length_a   96.491
_cell.length_b   96.491
_cell.length_c   156.390
_cell.angle_alpha   90.000
_cell.angle_beta   90.000
_cell.angle_gamma   120.000
#
_symmetry.space_group_name_H-M   'P 32 2 1'
#
loop_
_entity.id
_entity.type
_entity.pdbx_description
1 polymer Geranyltranstransferase
2 non-polymer 'SULFATE ION'
3 non-polymer GLYCEROL
4 non-polymer 'CHLORIDE ION'
5 water water
#
_entity_poly.entity_id   1
_entity_poly.type   'polypeptide(L)'
_entity_poly.pdbx_seq_one_letter_code
;MVMNLKQFSTYTQSRVDQYLEQQLSDYAPANQLHNAMRYSLFNGGKRIRPMLTYASAQLVGDISSLTDASAAALESIHAY
SLIHDDLPAMDNDELRRGKPTCHIQFDEATAILAGDALQTFAFELLSNPTSAQPELAIKLIQELVVASGRNGMITGQMID
LSSENKNISLAELEQMHVHKTGALIKASVRMGALSTGQVKPEQLAKLDAYAHAIGLAFQVQDDIIDLTSDTETLGKTQFS
DAEANKATYPKLLGLDGAKALVVRLHEQAIAQISEFGDKSQPLTDLANYIIDRNHAENLYFQSHHHHHHWSHPQFEK
;
_entity_poly.pdbx_strand_id   A,B
#
loop_
_chem_comp.id
_chem_comp.type
_chem_comp.name
_chem_comp.formula
CL non-polymer 'CHLORIDE ION' 'Cl -1'
GOL non-polymer GLYCEROL 'C3 H8 O3'
SO4 non-polymer 'SULFATE ION' 'O4 S -2'
#
# COMPACT_ATOMS: atom_id res chain seq x y z
N VAL A 2 -15.76 32.61 1.40
CA VAL A 2 -15.45 31.29 1.97
C VAL A 2 -16.74 30.48 2.14
N MET A 3 -16.67 29.17 1.90
CA MET A 3 -17.86 28.31 1.99
C MET A 3 -18.29 27.96 3.42
N ASN A 4 -19.58 28.14 3.72
CA ASN A 4 -20.16 27.63 4.97
C ASN A 4 -20.12 26.10 4.94
N LEU A 5 -20.47 25.44 6.04
CA LEU A 5 -20.20 24.00 6.14
C LEU A 5 -21.06 23.20 5.16
N LYS A 6 -22.32 23.58 5.04
CA LYS A 6 -23.24 22.91 4.12
C LYS A 6 -22.66 22.91 2.72
N GLN A 7 -22.30 24.09 2.22
CA GLN A 7 -21.73 24.22 0.89
C GLN A 7 -20.37 23.57 0.74
N PHE A 8 -19.52 23.75 1.74
CA PHE A 8 -18.18 23.21 1.66
C PHE A 8 -18.19 21.69 1.66
N SER A 9 -19.09 21.09 2.44
CA SER A 9 -19.16 19.63 2.47
C SER A 9 -19.70 19.11 1.14
N THR A 10 -20.74 19.74 0.62
CA THR A 10 -21.25 19.39 -0.70
C THR A 10 -20.15 19.50 -1.78
N TYR A 11 -19.44 20.62 -1.79
CA TYR A 11 -18.37 20.83 -2.78
C TYR A 11 -17.29 19.74 -2.72
N THR A 12 -16.74 19.51 -1.52
CA THR A 12 -15.63 18.57 -1.38
C THR A 12 -16.03 17.11 -1.57
N GLN A 13 -17.22 16.75 -1.09
CA GLN A 13 -17.74 15.40 -1.30
C GLN A 13 -17.92 15.12 -2.80
N SER A 14 -18.60 16.04 -3.51
CA SER A 14 -18.74 15.91 -4.96
C SER A 14 -17.37 15.84 -5.63
N ARG A 15 -16.47 16.71 -5.18
CA ARG A 15 -15.15 16.78 -5.79
C ARG A 15 -14.35 15.49 -5.60
N VAL A 16 -14.27 14.97 -4.37
CA VAL A 16 -13.46 13.77 -4.17
C VAL A 16 -14.12 12.54 -4.81
N ASP A 17 -15.45 12.49 -4.80
CA ASP A 17 -16.18 11.37 -5.38
C ASP A 17 -15.98 11.26 -6.90
N GLN A 18 -16.15 12.36 -7.61
CA GLN A 18 -15.88 12.39 -9.05
C GLN A 18 -14.43 12.02 -9.36
N TYR A 19 -13.50 12.52 -8.55
CA TYR A 19 -12.08 12.28 -8.80
C TYR A 19 -11.73 10.80 -8.58
N LEU A 20 -12.23 10.23 -7.49
CA LEU A 20 -12.04 8.80 -7.24
C LEU A 20 -12.57 7.97 -8.43
N GLU A 21 -13.78 8.31 -8.88
CA GLU A 21 -14.42 7.63 -9.99
C GLU A 21 -13.57 7.69 -11.25
N GLN A 22 -13.05 8.87 -11.54
CA GLN A 22 -12.21 9.06 -12.73
C GLN A 22 -10.92 8.27 -12.61
N GLN A 23 -10.25 8.34 -11.46
CA GLN A 23 -8.96 7.67 -11.33
C GLN A 23 -9.07 6.14 -11.26
N LEU A 24 -10.17 5.62 -10.73
CA LEU A 24 -10.35 4.17 -10.71
C LEU A 24 -10.74 3.74 -12.12
N SER A 25 -9.76 3.78 -13.03
CA SER A 25 -9.98 3.54 -14.45
C SER A 25 -10.37 2.09 -14.74
N ASP A 26 -11.21 1.90 -15.75
CA ASP A 26 -11.65 0.58 -16.13
C ASP A 26 -10.50 -0.31 -16.62
N TYR A 27 -10.56 -1.58 -16.24
CA TYR A 27 -9.57 -2.57 -16.65
C TYR A 27 -10.24 -3.93 -16.61
N ALA A 28 -10.59 -4.45 -17.79
CA ALA A 28 -11.45 -5.64 -17.89
C ALA A 28 -11.11 -6.87 -17.01
N PRO A 29 -9.83 -7.25 -16.91
CA PRO A 29 -9.51 -8.36 -16.00
C PRO A 29 -9.91 -8.05 -14.56
N ALA A 30 -9.87 -6.77 -14.19
CA ALA A 30 -10.18 -6.36 -12.83
C ALA A 30 -11.67 -6.04 -12.60
N ASN A 31 -12.53 -6.43 -13.52
CA ASN A 31 -13.96 -6.11 -13.40
C ASN A 31 -14.56 -6.48 -12.04
N GLN A 32 -14.45 -7.75 -11.65
CA GLN A 32 -14.93 -8.21 -10.36
C GLN A 32 -14.32 -7.46 -9.19
N LEU A 33 -13.00 -7.30 -9.24
CA LEU A 33 -12.29 -6.59 -8.18
C LEU A 33 -12.79 -5.16 -8.04
N HIS A 34 -12.97 -4.49 -9.16
CA HIS A 34 -13.40 -3.09 -9.16
C HIS A 34 -14.81 -2.95 -8.63
N ASN A 35 -15.66 -3.93 -8.92
CA ASN A 35 -17.01 -3.92 -8.38
C ASN A 35 -16.99 -3.86 -6.85
N ALA A 36 -16.20 -4.74 -6.24
CA ALA A 36 -16.08 -4.76 -4.79
C ALA A 36 -15.44 -3.48 -4.25
N MET A 37 -14.41 -2.99 -4.95
CA MET A 37 -13.74 -1.76 -4.56
C MET A 37 -14.70 -0.59 -4.55
N ARG A 38 -15.49 -0.48 -5.62
N ARG A 38 -15.48 -0.49 -5.63
CA ARG A 38 -16.44 0.61 -5.76
CA ARG A 38 -16.44 0.60 -5.77
C ARG A 38 -17.58 0.52 -4.76
C ARG A 38 -17.57 0.52 -4.75
N TYR A 39 -18.01 -0.70 -4.46
CA TYR A 39 -19.10 -0.91 -3.50
C TYR A 39 -18.70 -0.33 -2.15
N SER A 40 -17.42 -0.46 -1.81
CA SER A 40 -16.91 0.05 -0.54
C SER A 40 -16.59 1.55 -0.53
N LEU A 41 -16.02 2.04 -1.62
CA LEU A 41 -15.69 3.46 -1.73
C LEU A 41 -16.92 4.35 -1.76
N PHE A 42 -18.02 3.87 -2.35
CA PHE A 42 -19.18 4.72 -2.63
C PHE A 42 -20.48 4.39 -1.87
N GLY A 44 -21.25 4.29 1.09
CA GLY A 44 -21.40 5.69 1.43
C GLY A 44 -20.21 6.28 2.19
N GLY A 45 -20.51 7.11 3.19
CA GLY A 45 -19.49 7.74 4.02
C GLY A 45 -19.43 9.26 3.85
N LYS A 46 -19.07 9.99 4.90
CA LYS A 46 -19.15 11.46 4.86
C LYS A 46 -17.89 12.22 4.37
N ARG A 47 -16.84 11.47 4.04
CA ARG A 47 -15.59 12.04 3.48
C ARG A 47 -14.92 13.07 4.41
N ILE A 48 -14.96 12.82 5.72
CA ILE A 48 -14.34 13.69 6.70
C ILE A 48 -12.87 13.96 6.36
N ARG A 49 -12.15 12.90 6.00
CA ARG A 49 -10.72 13.07 5.71
C ARG A 49 -10.47 13.89 4.44
N PRO A 50 -11.16 13.57 3.34
CA PRO A 50 -11.08 14.54 2.23
C PRO A 50 -11.45 15.99 2.62
N MET A 51 -12.54 16.19 3.36
CA MET A 51 -12.92 17.54 3.76
C MET A 51 -11.80 18.28 4.50
N LEU A 52 -11.16 17.60 5.46
CA LEU A 52 -10.04 18.18 6.18
C LEU A 52 -8.89 18.52 5.24
N THR A 53 -8.62 17.64 4.27
CA THR A 53 -7.53 17.85 3.33
C THR A 53 -7.76 19.10 2.49
N TYR A 54 -8.96 19.23 1.93
CA TYR A 54 -9.25 20.40 1.10
C TYR A 54 -9.27 21.67 1.95
N ALA A 55 -9.76 21.55 3.19
CA ALA A 55 -9.87 22.72 4.09
C ALA A 55 -8.50 23.26 4.46
N SER A 56 -7.54 22.35 4.68
CA SER A 56 -6.19 22.75 5.05
C SER A 56 -5.47 23.38 3.86
N ALA A 57 -5.63 22.81 2.68
CA ALA A 57 -5.06 23.40 1.46
C ALA A 57 -5.56 24.83 1.29
N GLN A 58 -6.86 25.03 1.51
CA GLN A 58 -7.47 26.35 1.37
C GLN A 58 -6.93 27.33 2.40
N LEU A 59 -6.71 26.85 3.61
CA LEU A 59 -6.12 27.66 4.66
C LEU A 59 -4.83 28.33 4.21
N VAL A 60 -3.90 27.54 3.65
CA VAL A 60 -2.54 28.02 3.43
C VAL A 60 -2.20 28.40 1.98
N GLY A 61 -3.05 27.99 1.04
CA GLY A 61 -2.83 28.29 -0.35
C GLY A 61 -4.03 27.93 -1.20
N ASP A 62 -3.79 27.21 -2.28
CA ASP A 62 -4.88 26.83 -3.17
C ASP A 62 -4.99 25.31 -3.35
N ILE A 63 -6.23 24.82 -3.44
CA ILE A 63 -6.48 23.41 -3.73
C ILE A 63 -5.84 23.08 -5.09
N SER A 64 -5.11 21.96 -5.14
CA SER A 64 -4.29 21.61 -6.30
C SER A 64 -4.51 20.16 -6.67
N SER A 65 -3.89 19.72 -7.77
CA SER A 65 -4.04 18.35 -8.21
C SER A 65 -3.57 17.36 -7.13
N LEU A 66 -2.47 17.69 -6.45
CA LEU A 66 -2.00 16.83 -5.36
C LEU A 66 -2.90 16.90 -4.12
N THR A 67 -3.74 17.92 -4.02
CA THR A 67 -4.71 17.92 -2.93
C THR A 67 -5.79 16.87 -3.22
N ASP A 68 -6.23 16.85 -4.49
CA ASP A 68 -7.13 15.81 -4.96
C ASP A 68 -6.53 14.42 -4.75
N ALA A 69 -5.28 14.24 -5.15
CA ALA A 69 -4.60 12.94 -4.97
C ALA A 69 -4.52 12.55 -3.49
N SER A 70 -4.23 13.52 -2.62
CA SER A 70 -4.16 13.22 -1.19
C SER A 70 -5.51 12.86 -0.59
N ALA A 71 -6.52 13.66 -0.93
CA ALA A 71 -7.84 13.46 -0.36
C ALA A 71 -8.33 12.09 -0.78
N ALA A 72 -8.12 11.76 -2.05
CA ALA A 72 -8.56 10.49 -2.60
C ALA A 72 -7.77 9.33 -1.98
N ALA A 73 -6.46 9.51 -1.82
CA ALA A 73 -5.60 8.47 -1.24
C ALA A 73 -6.01 8.20 0.19
N LEU A 74 -6.22 9.27 0.96
CA LEU A 74 -6.63 9.13 2.36
C LEU A 74 -7.99 8.42 2.45
N GLU A 75 -8.91 8.76 1.55
CA GLU A 75 -10.22 8.10 1.58
C GLU A 75 -10.08 6.61 1.23
N SER A 76 -9.14 6.29 0.33
CA SER A 76 -8.92 4.89 -0.05
C SER A 76 -8.33 4.08 1.07
N ILE A 77 -7.37 4.66 1.78
CA ILE A 77 -6.82 4.02 2.96
C ILE A 77 -7.92 3.78 4.00
N HIS A 78 -8.70 4.82 4.28
CA HIS A 78 -9.79 4.72 5.24
C HIS A 78 -10.76 3.63 4.84
N ALA A 79 -11.14 3.61 3.56
CA ALA A 79 -12.09 2.61 3.07
C ALA A 79 -11.54 1.19 3.17
N TYR A 80 -10.27 1.02 2.84
CA TYR A 80 -9.66 -0.30 2.98
C TYR A 80 -9.69 -0.75 4.43
N SER A 81 -9.32 0.16 5.34
CA SER A 81 -9.29 -0.20 6.76
C SER A 81 -10.65 -0.64 7.30
N LEU A 82 -11.73 -0.04 6.79
CA LEU A 82 -13.09 -0.41 7.21
C LEU A 82 -13.46 -1.82 6.75
N ILE A 83 -13.10 -2.16 5.51
CA ILE A 83 -13.40 -3.48 4.97
C ILE A 83 -12.70 -4.55 5.81
N HIS A 84 -11.40 -4.38 5.98
CA HIS A 84 -10.62 -5.35 6.75
C HIS A 84 -11.05 -5.37 8.20
N ASP A 85 -11.61 -4.26 8.67
CA ASP A 85 -12.06 -4.21 10.05
C ASP A 85 -13.38 -4.95 10.26
N ASP A 86 -14.19 -5.07 9.21
CA ASP A 86 -15.48 -5.76 9.29
C ASP A 86 -15.30 -7.28 9.19
N LEU A 87 -14.10 -7.71 8.81
CA LEU A 87 -13.81 -9.14 8.68
C LEU A 87 -14.05 -9.86 10.01
N PRO A 88 -14.73 -11.01 9.96
CA PRO A 88 -15.10 -11.83 11.13
C PRO A 88 -13.94 -12.07 12.11
N ALA A 89 -12.71 -12.22 11.61
CA ALA A 89 -11.55 -12.42 12.47
C ALA A 89 -11.26 -11.20 13.38
N MET A 90 -11.76 -10.03 12.98
CA MET A 90 -11.62 -8.80 13.76
C MET A 90 -12.93 -8.51 14.49
N ASP A 91 -13.64 -7.50 13.97
CA ASP A 91 -15.02 -7.20 14.36
C ASP A 91 -15.98 -7.90 13.40
N ASN A 92 -17.24 -7.49 13.37
CA ASN A 92 -18.18 -8.08 12.41
C ASN A 92 -19.17 -7.08 11.83
N PRO A 100 -25.11 -3.56 4.62
CA PRO A 100 -24.45 -4.87 4.50
C PRO A 100 -22.97 -4.71 4.16
N THR A 101 -22.10 -5.37 4.93
CA THR A 101 -20.65 -5.22 4.76
C THR A 101 -20.16 -5.83 3.43
N CYS A 102 -18.92 -5.52 3.07
CA CYS A 102 -18.36 -6.00 1.79
C CYS A 102 -18.26 -7.53 1.73
N HIS A 103 -17.96 -8.17 2.87
CA HIS A 103 -17.86 -9.63 2.92
C HIS A 103 -19.24 -10.30 2.95
N ILE A 104 -20.27 -9.56 3.36
CA ILE A 104 -21.65 -10.05 3.34
C ILE A 104 -22.21 -10.02 1.92
N GLN A 105 -22.13 -8.85 1.29
CA GLN A 105 -22.56 -8.67 -0.09
C GLN A 105 -21.80 -9.56 -1.07
N PHE A 106 -20.48 -9.63 -0.89
CA PHE A 106 -19.65 -10.56 -1.64
C PHE A 106 -19.29 -11.77 -0.78
N ASP A 107 -17.99 -12.01 -0.63
CA ASP A 107 -17.53 -13.00 0.34
C ASP A 107 -16.31 -12.47 1.06
N GLU A 108 -15.83 -13.23 2.03
CA GLU A 108 -14.69 -12.83 2.84
C GLU A 108 -13.42 -12.70 1.97
N ALA A 109 -13.21 -13.66 1.08
CA ALA A 109 -12.04 -13.63 0.21
C ALA A 109 -12.01 -12.35 -0.65
N THR A 110 -13.17 -11.98 -1.18
CA THR A 110 -13.29 -10.78 -1.99
C THR A 110 -13.02 -9.52 -1.19
N ALA A 111 -13.56 -9.46 0.02
CA ALA A 111 -13.35 -8.31 0.89
C ALA A 111 -11.87 -8.13 1.23
N ILE A 112 -11.18 -9.24 1.49
CA ILE A 112 -9.75 -9.16 1.79
C ILE A 112 -8.98 -8.55 0.61
N LEU A 113 -9.26 -9.02 -0.60
CA LEU A 113 -8.55 -8.55 -1.79
C LEU A 113 -8.91 -7.09 -2.12
N ALA A 114 -10.19 -6.74 -1.94
CA ALA A 114 -10.63 -5.36 -2.21
C ALA A 114 -9.93 -4.39 -1.26
N GLY A 115 -9.77 -4.80 -0.01
CA GLY A 115 -9.04 -3.98 0.94
C GLY A 115 -7.60 -3.79 0.52
N ASP A 116 -6.93 -4.91 0.18
CA ASP A 116 -5.55 -4.86 -0.27
C ASP A 116 -5.40 -3.96 -1.48
N ALA A 117 -6.33 -4.08 -2.41
CA ALA A 117 -6.25 -3.30 -3.64
C ALA A 117 -6.54 -1.83 -3.38
N LEU A 118 -7.40 -1.54 -2.43
CA LEU A 118 -7.67 -0.15 -2.09
C LEU A 118 -6.44 0.50 -1.48
N GLN A 119 -5.66 -0.27 -0.72
CA GLN A 119 -4.39 0.29 -0.23
C GLN A 119 -3.45 0.61 -1.39
N THR A 120 -3.31 -0.30 -2.34
CA THR A 120 -2.40 -0.04 -3.46
C THR A 120 -2.91 1.14 -4.28
N PHE A 121 -4.24 1.27 -4.37
CA PHE A 121 -4.82 2.36 -5.15
C PHE A 121 -4.47 3.72 -4.53
N ALA A 122 -4.37 3.77 -3.20
CA ALA A 122 -3.98 5.01 -2.52
C ALA A 122 -2.61 5.46 -3.02
N PHE A 123 -1.71 4.51 -3.18
CA PHE A 123 -0.37 4.86 -3.64
C PHE A 123 -0.35 5.12 -5.13
N GLU A 124 -1.29 4.51 -5.86
CA GLU A 124 -1.43 4.80 -7.27
C GLU A 124 -1.82 6.27 -7.42
N LEU A 125 -2.76 6.71 -6.59
CA LEU A 125 -3.30 8.06 -6.64
C LEU A 125 -2.19 9.09 -6.44
N LEU A 126 -1.29 8.79 -5.49
CA LEU A 126 -0.19 9.70 -5.15
C LEU A 126 1.00 9.67 -6.11
N SER A 127 1.04 8.67 -6.98
CA SER A 127 2.17 8.55 -7.91
C SER A 127 1.73 8.61 -9.37
N ASN A 128 0.63 9.29 -9.63
CA ASN A 128 0.10 9.48 -10.98
C ASN A 128 1.10 10.26 -11.84
N PRO A 129 1.40 9.77 -13.05
CA PRO A 129 2.33 10.41 -13.99
C PRO A 129 1.89 11.80 -14.46
N THR A 130 0.63 12.17 -14.25
CA THR A 130 0.15 13.50 -14.65
C THR A 130 0.78 14.61 -13.79
N SER A 131 1.19 14.24 -12.57
CA SER A 131 1.86 15.16 -11.66
C SER A 131 3.30 15.45 -12.13
N ALA A 132 3.67 16.73 -12.09
CA ALA A 132 5.04 17.14 -12.41
C ALA A 132 5.72 17.68 -11.14
N GLN A 133 5.28 17.21 -9.98
CA GLN A 133 5.87 17.58 -8.70
C GLN A 133 6.36 16.34 -7.94
N PRO A 134 7.40 15.66 -8.46
CA PRO A 134 7.80 14.40 -7.80
C PRO A 134 8.33 14.56 -6.36
N GLU A 135 9.08 15.62 -6.06
CA GLU A 135 9.61 15.77 -4.71
C GLU A 135 8.44 15.93 -3.72
N LEU A 136 7.47 16.76 -4.10
CA LEU A 136 6.29 16.93 -3.26
C LEU A 136 5.49 15.62 -3.18
N ALA A 137 5.35 14.91 -4.30
CA ALA A 137 4.62 13.63 -4.26
C ALA A 137 5.28 12.64 -3.29
N ILE A 138 6.61 12.57 -3.33
CA ILE A 138 7.35 11.66 -2.45
C ILE A 138 7.07 12.04 -0.99
N LYS A 139 7.06 13.35 -0.70
CA LYS A 139 6.76 13.82 0.66
C LYS A 139 5.36 13.38 1.08
N LEU A 140 4.38 13.54 0.19
CA LEU A 140 3.01 13.17 0.53
C LEU A 140 2.90 11.65 0.75
N ILE A 141 3.68 10.90 -0.01
CA ILE A 141 3.70 9.46 0.14
C ILE A 141 4.28 9.08 1.50
N GLN A 142 5.36 9.75 1.88
CA GLN A 142 5.95 9.54 3.21
C GLN A 142 4.94 9.83 4.32
N GLU A 143 4.19 10.93 4.16
CA GLU A 143 3.16 11.30 5.12
C GLU A 143 2.11 10.20 5.23
N LEU A 144 1.70 9.66 4.09
CA LEU A 144 0.63 8.65 4.09
C LEU A 144 1.14 7.35 4.71
N VAL A 145 2.39 7.01 4.39
CA VAL A 145 3.00 5.80 4.90
C VAL A 145 3.06 5.81 6.43
N VAL A 146 3.53 6.93 6.98
CA VAL A 146 3.72 6.99 8.42
C VAL A 146 2.38 6.97 9.15
N ALA A 147 1.33 7.50 8.50
CA ALA A 147 0.00 7.54 9.08
C ALA A 147 -0.74 6.22 8.99
N SER A 148 -0.48 5.45 7.94
CA SER A 148 -1.29 4.28 7.62
C SER A 148 -0.71 2.96 8.13
N GLY A 149 0.60 2.90 8.31
CA GLY A 149 1.27 1.63 8.56
C GLY A 149 1.64 1.36 10.01
N ARG A 150 2.78 0.71 10.19
CA ARG A 150 3.29 0.32 11.51
C ARG A 150 3.51 1.51 12.43
N ASN A 151 3.67 2.70 11.87
CA ASN A 151 3.83 3.90 12.69
C ASN A 151 2.50 4.57 13.01
N GLY A 152 1.40 4.03 12.48
CA GLY A 152 0.14 4.71 12.59
C GLY A 152 -1.04 3.76 12.68
N MET A 153 -1.92 3.85 11.70
CA MET A 153 -3.23 3.18 11.74
C MET A 153 -3.19 1.69 12.12
N ILE A 154 -2.37 0.90 11.44
CA ILE A 154 -2.34 -0.53 11.70
C ILE A 154 -1.84 -0.87 13.10
N THR A 155 -0.89 -0.08 13.60
CA THR A 155 -0.41 -0.34 14.95
C THR A 155 -1.53 -0.02 15.96
N GLY A 156 -2.34 0.98 15.64
CA GLY A 156 -3.51 1.30 16.47
C GLY A 156 -4.51 0.15 16.50
N GLN A 157 -4.78 -0.45 15.35
CA GLN A 157 -5.69 -1.59 15.27
C GLN A 157 -5.12 -2.76 16.05
N MET A 158 -3.81 -2.94 15.94
CA MET A 158 -3.12 -4.02 16.65
C MET A 158 -3.28 -3.81 18.16
N ILE A 159 -3.04 -2.59 18.61
CA ILE A 159 -3.16 -2.27 20.03
C ILE A 159 -4.59 -2.53 20.49
N ASP A 160 -5.56 -2.07 19.70
CA ASP A 160 -6.98 -2.30 20.00
C ASP A 160 -7.28 -3.79 20.20
N LEU A 161 -6.85 -4.62 19.25
CA LEU A 161 -7.02 -6.05 19.37
C LEU A 161 -6.34 -6.63 20.61
N SER A 162 -5.09 -6.26 20.85
CA SER A 162 -4.33 -6.85 21.95
C SER A 162 -4.84 -6.39 23.32
N SER A 163 -5.69 -5.37 23.33
CA SER A 163 -6.15 -4.79 24.58
C SER A 163 -7.58 -5.21 24.96
N GLU A 164 -8.21 -6.06 24.14
CA GLU A 164 -9.64 -6.34 24.29
C GLU A 164 -10.03 -7.11 25.56
N ASN A 165 -9.07 -7.78 26.19
CA ASN A 165 -9.36 -8.44 27.46
C ASN A 165 -8.96 -7.56 28.65
N LYS A 166 -7.83 -6.88 28.53
CA LYS A 166 -7.31 -6.03 29.61
C LYS A 166 -8.16 -4.80 29.84
N ASN A 167 -7.92 -4.12 30.95
CA ASN A 167 -8.37 -2.74 31.13
C ASN A 167 -7.14 -1.84 31.16
N ILE A 168 -7.06 -0.95 30.18
CA ILE A 168 -5.86 -0.15 29.97
C ILE A 168 -6.01 1.22 30.61
N SER A 169 -4.89 1.93 30.77
CA SER A 169 -4.91 3.25 31.41
C SER A 169 -5.38 4.32 30.43
N LEU A 170 -5.61 5.53 30.96
CA LEU A 170 -5.91 6.68 30.12
C LEU A 170 -4.81 6.90 29.08
N ALA A 171 -3.55 6.82 29.53
CA ALA A 171 -2.41 7.02 28.62
C ALA A 171 -2.42 5.99 27.51
N GLU A 172 -2.71 4.74 27.85
CA GLU A 172 -2.75 3.67 26.86
C GLU A 172 -3.93 3.87 25.90
N LEU A 173 -5.06 4.31 26.43
CA LEU A 173 -6.23 4.55 25.59
C LEU A 173 -5.95 5.67 24.60
N GLU A 174 -5.38 6.77 25.10
CA GLU A 174 -4.98 7.87 24.23
C GLU A 174 -4.00 7.39 23.16
N GLN A 175 -2.95 6.66 23.56
CA GLN A 175 -1.98 6.16 22.60
C GLN A 175 -2.64 5.33 21.49
N MET A 176 -3.58 4.48 21.89
CA MET A 176 -4.28 3.62 20.94
C MET A 176 -5.05 4.45 19.91
N HIS A 177 -5.80 5.45 20.37
CA HIS A 177 -6.61 6.25 19.45
C HIS A 177 -5.77 7.12 18.54
N VAL A 178 -4.68 7.66 19.09
CA VAL A 178 -3.78 8.51 18.31
C VAL A 178 -3.21 7.76 17.11
N HIS A 179 -2.98 6.46 17.27
CA HIS A 179 -2.51 5.62 16.16
C HIS A 179 -3.68 5.18 15.28
N LYS A 180 -4.72 4.65 15.91
CA LYS A 180 -5.81 4.00 15.19
C LYS A 180 -6.64 4.94 14.31
N THR A 181 -6.94 6.13 14.81
CA THR A 181 -7.71 7.09 14.02
C THR A 181 -7.05 8.47 13.96
N GLY A 182 -6.23 8.80 14.96
CA GLY A 182 -5.61 10.11 15.02
C GLY A 182 -4.67 10.38 13.85
N ALA A 183 -3.85 9.39 13.50
CA ALA A 183 -2.80 9.57 12.50
C ALA A 183 -3.32 9.97 11.12
N LEU A 184 -4.41 9.36 10.68
CA LEU A 184 -4.97 9.66 9.36
C LEU A 184 -5.63 11.03 9.35
N ILE A 185 -6.21 11.40 10.49
CA ILE A 185 -6.78 12.74 10.63
C ILE A 185 -5.67 13.76 10.49
N LYS A 186 -4.54 13.49 11.14
CA LYS A 186 -3.39 14.39 11.05
C LYS A 186 -2.78 14.39 9.64
N ALA A 187 -2.74 13.23 9.01
CA ALA A 187 -2.24 13.13 7.63
C ALA A 187 -3.11 13.98 6.71
N SER A 188 -4.41 14.02 6.99
CA SER A 188 -5.34 14.81 6.19
C SER A 188 -4.98 16.29 6.17
N VAL A 189 -4.79 16.89 7.36
CA VAL A 189 -4.47 18.31 7.41
C VAL A 189 -3.03 18.56 6.94
N ARG A 190 -2.10 17.67 7.29
CA ARG A 190 -0.70 17.84 6.89
C ARG A 190 -0.55 17.76 5.35
N MET A 191 -1.13 16.72 4.78
CA MET A 191 -1.03 16.53 3.33
C MET A 191 -1.77 17.61 2.55
N GLY A 192 -2.93 18.01 3.05
CA GLY A 192 -3.68 19.09 2.43
C GLY A 192 -2.83 20.34 2.29
N ALA A 193 -2.26 20.78 3.40
CA ALA A 193 -1.41 21.97 3.45
C ALA A 193 -0.17 21.82 2.57
N LEU A 194 0.53 20.70 2.72
CA LEU A 194 1.71 20.42 1.87
C LEU A 194 1.36 20.43 0.38
N SER A 195 0.19 19.90 0.03
CA SER A 195 -0.16 19.73 -1.39
C SER A 195 -0.25 21.06 -2.11
N THR A 196 -0.33 22.16 -1.35
CA THR A 196 -0.36 23.51 -1.94
C THR A 196 1.00 23.98 -2.46
N GLY A 197 2.06 23.38 -1.94
CA GLY A 197 3.41 23.78 -2.33
C GLY A 197 3.84 25.08 -1.65
N GLN A 198 3.10 25.48 -0.63
CA GLN A 198 3.26 26.79 0.00
C GLN A 198 3.32 26.80 1.53
N VAL A 199 3.12 25.66 2.16
CA VAL A 199 3.01 25.65 3.63
C VAL A 199 4.35 25.94 4.32
N LYS A 200 4.29 26.71 5.40
CA LYS A 200 5.49 27.05 6.17
C LYS A 200 5.48 26.17 7.40
N PRO A 201 6.67 25.90 7.98
CA PRO A 201 6.77 24.95 9.09
C PRO A 201 5.90 25.34 10.28
N GLU A 202 5.81 26.64 10.56
CA GLU A 202 4.99 27.14 11.65
C GLU A 202 3.49 26.85 11.44
N GLN A 203 3.00 27.03 10.21
CA GLN A 203 1.62 26.70 9.89
C GLN A 203 1.36 25.21 10.06
N LEU A 204 2.35 24.39 9.70
CA LEU A 204 2.20 22.94 9.76
C LEU A 204 2.14 22.46 11.22
N ALA A 205 2.92 23.09 12.09
CA ALA A 205 2.87 22.78 13.50
C ALA A 205 1.51 23.09 14.13
N LYS A 206 0.90 24.21 13.74
CA LYS A 206 -0.44 24.56 14.20
C LYS A 206 -1.45 23.54 13.72
N LEU A 207 -1.32 23.12 12.46
CA LEU A 207 -2.24 22.12 11.90
C LEU A 207 -2.10 20.77 12.59
N ASP A 208 -0.86 20.39 12.92
CA ASP A 208 -0.60 19.20 13.72
C ASP A 208 -1.41 19.21 14.99
N ALA A 209 -1.28 20.31 15.74
CA ALA A 209 -1.94 20.44 17.03
C ALA A 209 -3.45 20.48 16.83
N TYR A 210 -3.90 21.14 15.77
CA TYR A 210 -5.33 21.18 15.47
C TYR A 210 -5.83 19.75 15.30
N ALA A 211 -5.13 18.98 14.47
CA ALA A 211 -5.55 17.64 14.12
C ALA A 211 -5.52 16.70 15.31
N HIS A 212 -4.46 16.79 16.10
CA HIS A 212 -4.36 15.97 17.31
C HIS A 212 -5.55 16.22 18.23
N ALA A 213 -5.90 17.48 18.43
CA ALA A 213 -6.99 17.81 19.34
C ALA A 213 -8.33 17.26 18.83
N ILE A 214 -8.58 17.49 17.54
CA ILE A 214 -9.83 17.08 16.92
C ILE A 214 -9.99 15.55 16.89
N GLY A 215 -8.90 14.86 16.58
CA GLY A 215 -8.89 13.41 16.54
C GLY A 215 -9.23 12.78 17.88
N LEU A 216 -8.58 13.27 18.93
CA LEU A 216 -8.87 12.73 20.25
C LEU A 216 -10.30 13.12 20.68
N ALA A 217 -10.66 14.39 20.48
CA ALA A 217 -11.97 14.88 20.92
C ALA A 217 -13.13 14.03 20.39
N PHE A 218 -13.03 13.60 19.14
CA PHE A 218 -14.12 12.81 18.57
C PHE A 218 -14.22 11.42 19.20
N GLN A 219 -13.07 10.83 19.55
CA GLN A 219 -13.09 9.56 20.27
C GLN A 219 -13.68 9.71 21.67
N VAL A 220 -13.28 10.77 22.38
CA VAL A 220 -13.85 11.01 23.70
C VAL A 220 -15.35 11.24 23.60
N GLN A 221 -15.75 12.10 22.67
CA GLN A 221 -17.16 12.39 22.46
C GLN A 221 -17.96 11.11 22.14
N ASP A 222 -17.36 10.25 21.32
CA ASP A 222 -17.99 8.96 20.99
C ASP A 222 -18.35 8.11 22.22
N ASP A 223 -17.42 8.02 23.17
CA ASP A 223 -17.67 7.28 24.41
C ASP A 223 -18.77 7.95 25.21
N ILE A 224 -18.79 9.28 25.17
CA ILE A 224 -19.80 10.05 25.89
C ILE A 224 -21.17 9.76 25.28
N ILE A 225 -21.24 9.75 23.95
CA ILE A 225 -22.47 9.43 23.24
C ILE A 225 -22.99 8.01 23.56
N ASP A 226 -22.09 7.03 23.56
CA ASP A 226 -22.47 5.65 23.88
C ASP A 226 -23.11 5.53 25.25
N LEU A 227 -22.70 6.39 26.17
CA LEU A 227 -23.22 6.38 27.54
C LEU A 227 -24.72 6.65 27.60
N THR A 228 -25.29 7.13 26.50
CA THR A 228 -26.70 7.52 26.47
C THR A 228 -27.48 6.91 25.29
N ASN A 245 -17.03 -3.10 31.49
CA ASN A 245 -16.22 -4.13 30.83
C ASN A 245 -14.87 -3.64 30.26
N LYS A 246 -14.91 -2.82 29.21
CA LYS A 246 -13.71 -2.34 28.51
C LYS A 246 -13.44 -0.85 28.82
N ALA A 247 -12.24 -0.37 28.50
CA ALA A 247 -11.81 1.00 28.82
C ALA A 247 -12.44 2.10 27.94
N THR A 248 -12.95 3.14 28.59
CA THR A 248 -13.54 4.31 27.93
C THR A 248 -13.12 5.57 28.68
N TYR A 249 -13.20 6.73 28.02
CA TYR A 249 -12.89 7.98 28.71
C TYR A 249 -13.77 8.30 29.94
N PRO A 250 -15.11 8.08 29.84
CA PRO A 250 -15.93 8.35 31.03
C PRO A 250 -15.58 7.44 32.21
N LYS A 251 -15.18 6.20 31.94
CA LYS A 251 -14.75 5.34 33.04
C LYS A 251 -13.42 5.79 33.64
N LEU A 252 -12.55 6.32 32.79
CA LEU A 252 -11.22 6.73 33.25
C LEU A 252 -11.21 8.12 33.87
N LEU A 253 -12.09 9.00 33.42
CA LEU A 253 -12.06 10.39 33.89
C LEU A 253 -13.33 10.82 34.62
N GLY A 254 -14.33 9.93 34.67
CA GLY A 254 -15.67 10.32 35.10
C GLY A 254 -16.38 10.92 33.88
N LEU A 255 -17.71 10.91 33.89
CA LEU A 255 -18.48 11.55 32.83
C LEU A 255 -18.14 13.04 32.73
N ASP A 256 -18.03 13.68 33.89
CA ASP A 256 -17.71 15.11 33.95
C ASP A 256 -16.33 15.42 33.38
N GLY A 257 -15.36 14.56 33.71
CA GLY A 257 -13.99 14.73 33.22
C GLY A 257 -13.87 14.53 31.73
N ALA A 258 -14.64 13.59 31.19
CA ALA A 258 -14.61 13.33 29.75
C ALA A 258 -15.26 14.50 29.00
N LYS A 259 -16.37 15.01 29.53
CA LYS A 259 -17.02 16.18 28.95
C LYS A 259 -16.10 17.40 28.95
N ALA A 260 -15.41 17.62 30.07
CA ALA A 260 -14.47 18.74 30.16
C ALA A 260 -13.34 18.58 29.15
N LEU A 261 -12.88 17.35 28.98
CA LEU A 261 -11.79 17.09 28.06
C LEU A 261 -12.19 17.41 26.62
N VAL A 262 -13.42 17.06 26.25
CA VAL A 262 -13.92 17.37 24.91
C VAL A 262 -13.91 18.88 24.68
N VAL A 263 -14.41 19.62 25.66
CA VAL A 263 -14.44 21.08 25.56
C VAL A 263 -13.03 21.65 25.44
N ARG A 264 -12.11 21.16 26.27
CA ARG A 264 -10.74 21.66 26.22
C ARG A 264 -10.06 21.38 24.88
N LEU A 265 -10.23 20.17 24.36
CA LEU A 265 -9.62 19.81 23.09
C LEU A 265 -10.21 20.65 21.95
N HIS A 266 -11.52 20.87 22.01
CA HIS A 266 -12.20 21.68 21.02
C HIS A 266 -11.63 23.10 21.02
N GLU A 267 -11.52 23.68 22.21
CA GLU A 267 -10.95 25.03 22.36
C GLU A 267 -9.50 25.09 21.86
N GLN A 268 -8.73 24.06 22.17
CA GLN A 268 -7.35 24.01 21.73
C GLN A 268 -7.26 23.97 20.22
N ALA A 269 -8.14 23.18 19.60
CA ALA A 269 -8.13 23.03 18.15
C ALA A 269 -8.38 24.38 17.48
N ILE A 270 -9.40 25.09 17.96
CA ILE A 270 -9.78 26.37 17.37
C ILE A 270 -8.68 27.42 17.61
N ALA A 271 -8.10 27.40 18.80
CA ALA A 271 -7.02 28.34 19.12
C ALA A 271 -5.83 28.25 18.17
N GLN A 272 -5.56 27.06 17.66
CA GLN A 272 -4.44 26.83 16.76
C GLN A 272 -4.61 27.53 15.40
N ILE A 273 -5.86 27.75 15.00
CA ILE A 273 -6.12 28.30 13.66
C ILE A 273 -6.84 29.64 13.69
N SER A 274 -6.95 30.22 14.89
CA SER A 274 -7.63 31.49 15.05
C SER A 274 -6.97 32.61 14.25
N GLU A 275 -5.65 32.62 14.22
CA GLU A 275 -4.88 33.69 13.57
C GLU A 275 -4.86 33.65 12.04
N PHE A 276 -5.73 32.86 11.43
CA PHE A 276 -5.77 32.74 9.97
C PHE A 276 -6.91 33.52 9.34
N GLY A 277 -7.92 33.85 10.13
CA GLY A 277 -9.04 34.62 9.61
C GLY A 277 -10.06 33.78 8.86
N ASP A 278 -10.77 34.43 7.93
CA ASP A 278 -11.87 33.80 7.19
C ASP A 278 -11.53 32.44 6.58
N LYS A 279 -10.29 32.29 6.12
CA LYS A 279 -9.83 31.06 5.48
C LYS A 279 -9.91 29.86 6.40
N SER A 280 -10.02 30.10 7.71
CA SER A 280 -9.99 29.03 8.69
C SER A 280 -11.40 28.55 9.01
N GLN A 281 -12.40 29.19 8.42
CA GLN A 281 -13.79 28.85 8.75
C GLN A 281 -14.17 27.37 8.51
N PRO A 282 -13.77 26.77 7.36
CA PRO A 282 -14.06 25.36 7.14
C PRO A 282 -13.46 24.47 8.23
N LEU A 283 -12.21 24.69 8.59
CA LEU A 283 -11.57 23.91 9.65
C LEU A 283 -12.25 24.16 10.99
N THR A 284 -12.75 25.37 11.20
CA THR A 284 -13.48 25.63 12.42
C THR A 284 -14.81 24.90 12.39
N ASP A 285 -15.54 25.03 11.29
CA ASP A 285 -16.82 24.34 11.13
C ASP A 285 -16.65 22.82 11.22
N LEU A 286 -15.62 22.29 10.57
CA LEU A 286 -15.32 20.85 10.59
C LEU A 286 -14.99 20.34 11.99
N ALA A 287 -14.42 21.20 12.82
CA ALA A 287 -14.10 20.80 14.18
C ALA A 287 -15.39 20.42 14.90
N ASN A 288 -16.36 21.32 14.85
CA ASN A 288 -17.65 21.09 15.51
C ASN A 288 -18.40 19.87 14.96
N TYR A 289 -18.41 19.74 13.63
CA TYR A 289 -19.10 18.62 12.97
C TYR A 289 -18.50 17.25 13.34
N ILE A 290 -17.18 17.11 13.21
CA ILE A 290 -16.48 15.85 13.51
C ILE A 290 -16.64 15.48 14.98
N ILE A 291 -16.35 16.44 15.85
CA ILE A 291 -16.50 16.25 17.28
C ILE A 291 -17.94 15.91 17.64
N ASP A 292 -18.87 16.74 17.15
CA ASP A 292 -20.29 16.77 17.50
C ASP A 292 -20.53 17.68 18.71
N VAL B 2 31.31 -13.50 -13.46
CA VAL B 2 32.32 -14.19 -12.66
C VAL B 2 31.69 -14.96 -11.48
N MET B 3 30.79 -14.31 -10.75
CA MET B 3 30.04 -14.97 -9.67
C MET B 3 29.14 -16.09 -10.23
N ASN B 4 29.14 -17.25 -9.58
CA ASN B 4 28.19 -18.31 -9.95
C ASN B 4 26.86 -18.12 -9.22
N LEU B 5 25.89 -19.00 -9.46
CA LEU B 5 24.54 -18.77 -8.91
C LEU B 5 24.48 -18.91 -7.38
N LYS B 6 25.11 -19.95 -6.86
CA LYS B 6 25.21 -20.19 -5.41
C LYS B 6 25.74 -18.95 -4.71
N GLN B 7 26.82 -18.40 -5.26
CA GLN B 7 27.42 -17.19 -4.75
C GLN B 7 26.52 -15.97 -4.92
N PHE B 8 25.92 -15.81 -6.09
CA PHE B 8 25.05 -14.65 -6.31
C PHE B 8 23.84 -14.72 -5.39
N SER B 9 23.32 -15.93 -5.21
CA SER B 9 22.19 -16.15 -4.31
C SER B 9 22.53 -15.77 -2.87
N THR B 10 23.68 -16.26 -2.41
CA THR B 10 24.13 -15.96 -1.06
C THR B 10 24.33 -14.45 -0.85
N TYR B 11 25.01 -13.81 -1.79
CA TYR B 11 25.25 -12.38 -1.74
C TYR B 11 23.94 -11.57 -1.65
N THR B 12 23.04 -11.82 -2.60
CA THR B 12 21.79 -11.08 -2.65
C THR B 12 20.86 -11.35 -1.46
N GLN B 13 20.80 -12.59 -1.01
CA GLN B 13 19.92 -12.91 0.11
C GLN B 13 20.40 -12.27 1.41
N SER B 14 21.69 -12.32 1.67
CA SER B 14 22.22 -11.67 2.86
C SER B 14 22.04 -10.15 2.74
N ARG B 15 22.30 -9.62 1.55
CA ARG B 15 22.16 -8.19 1.32
C ARG B 15 20.72 -7.67 1.54
N VAL B 16 19.73 -8.35 0.95
CA VAL B 16 18.36 -7.89 1.09
C VAL B 16 17.85 -8.13 2.52
N ASP B 17 18.29 -9.21 3.16
CA ASP B 17 17.86 -9.50 4.52
C ASP B 17 18.39 -8.47 5.51
N GLN B 18 19.67 -8.12 5.40
CA GLN B 18 20.24 -7.07 6.26
C GLN B 18 19.59 -5.71 6.03
N TYR B 19 19.20 -5.41 4.79
CA TYR B 19 18.59 -4.14 4.47
C TYR B 19 17.18 -4.08 5.07
N LEU B 20 16.41 -5.14 4.86
CA LEU B 20 15.07 -5.25 5.44
C LEU B 20 15.10 -5.09 6.97
N GLU B 21 15.98 -5.82 7.64
CA GLU B 21 16.08 -5.75 9.09
C GLU B 21 16.40 -4.34 9.57
N GLN B 22 17.31 -3.68 8.88
CA GLN B 22 17.74 -2.34 9.27
C GLN B 22 16.66 -1.28 9.00
N GLN B 23 15.95 -1.42 7.88
CA GLN B 23 14.88 -0.48 7.52
C GLN B 23 13.62 -0.64 8.35
N LEU B 24 13.39 -1.83 8.90
CA LEU B 24 12.25 -2.05 9.78
C LEU B 24 12.61 -1.54 11.17
N SER B 25 12.65 -0.21 11.30
CA SER B 25 13.20 0.42 12.49
C SER B 25 12.30 0.17 13.69
N ASP B 26 12.89 0.12 14.88
CA ASP B 26 12.16 -0.15 16.11
C ASP B 26 11.12 0.92 16.42
N TYR B 27 9.99 0.48 16.96
CA TYR B 27 8.93 1.40 17.34
C TYR B 27 8.07 0.67 18.36
N ALA B 28 8.31 0.98 19.63
CA ALA B 28 7.70 0.25 20.75
C ALA B 28 6.20 -0.07 20.63
N PRO B 29 5.36 0.91 20.25
CA PRO B 29 3.94 0.56 20.15
C PRO B 29 3.66 -0.52 19.08
N ALA B 30 4.57 -0.64 18.10
CA ALA B 30 4.41 -1.62 17.04
C ALA B 30 5.09 -2.96 17.34
N ASN B 31 5.52 -3.18 18.58
CA ASN B 31 6.30 -4.38 18.90
C ASN B 31 5.66 -5.69 18.44
N GLN B 32 4.37 -5.86 18.76
CA GLN B 32 3.63 -7.06 18.40
C GLN B 32 3.51 -7.17 16.89
N LEU B 33 3.11 -6.07 16.26
CA LEU B 33 3.00 -6.02 14.81
C LEU B 33 4.33 -6.36 14.14
N HIS B 34 5.43 -5.79 14.64
CA HIS B 34 6.77 -6.04 14.09
C HIS B 34 7.19 -7.51 14.22
N ASN B 35 6.85 -8.12 15.36
CA ASN B 35 7.09 -9.54 15.54
C ASN B 35 6.45 -10.35 14.42
N ALA B 36 5.18 -10.05 14.15
CA ALA B 36 4.45 -10.75 13.09
C ALA B 36 5.09 -10.50 11.73
N MET B 37 5.42 -9.25 11.42
CA MET B 37 6.03 -8.92 10.13
C MET B 37 7.36 -9.63 9.93
N ARG B 38 8.18 -9.67 10.97
CA ARG B 38 9.50 -10.29 10.88
C ARG B 38 9.38 -11.80 10.70
N TYR B 39 8.44 -12.40 11.41
CA TYR B 39 8.14 -13.82 11.24
C TYR B 39 7.76 -14.16 9.79
N SER B 40 7.10 -13.23 9.12
CA SER B 40 6.68 -13.44 7.74
C SER B 40 7.82 -13.11 6.77
N LEU B 41 8.56 -12.06 7.08
CA LEU B 41 9.65 -11.61 6.22
C LEU B 41 10.81 -12.59 6.20
N PHE B 42 10.94 -13.37 7.27
CA PHE B 42 12.03 -14.33 7.37
C PHE B 42 11.52 -15.72 7.71
N GLY B 44 11.53 -17.62 6.03
CA GLY B 44 12.33 -18.18 4.97
C GLY B 44 11.96 -17.64 3.61
N GLY B 45 12.46 -18.29 2.56
CA GLY B 45 12.18 -17.87 1.20
C GLY B 45 13.42 -17.84 0.33
N LYS B 46 13.24 -18.03 -0.98
CA LYS B 46 14.35 -18.05 -1.91
C LYS B 46 14.77 -16.65 -2.35
N ARG B 47 13.90 -15.67 -2.12
CA ARG B 47 14.18 -14.30 -2.50
C ARG B 47 14.40 -14.15 -3.99
N ILE B 48 13.56 -14.82 -4.78
CA ILE B 48 13.67 -14.77 -6.24
C ILE B 48 13.57 -13.32 -6.76
N ARG B 49 12.65 -12.55 -6.19
CA ARG B 49 12.42 -11.21 -6.69
C ARG B 49 13.59 -10.25 -6.40
N PRO B 50 14.09 -10.23 -5.14
CA PRO B 50 15.37 -9.55 -4.91
C PRO B 50 16.50 -9.98 -5.85
N MET B 51 16.67 -11.28 -6.06
CA MET B 51 17.74 -11.76 -6.93
C MET B 51 17.61 -11.17 -8.34
N LEU B 52 16.40 -11.23 -8.89
CA LEU B 52 16.11 -10.66 -10.21
C LEU B 52 16.39 -9.16 -10.26
N THR B 53 16.07 -8.48 -9.16
CA THR B 53 16.25 -7.03 -9.06
C THR B 53 17.75 -6.68 -9.11
N TYR B 54 18.53 -7.33 -8.25
CA TYR B 54 19.96 -7.11 -8.22
C TYR B 54 20.61 -7.53 -9.55
N ALA B 55 20.16 -8.64 -10.12
CA ALA B 55 20.74 -9.14 -11.37
C ALA B 55 20.47 -8.19 -12.53
N SER B 56 19.29 -7.60 -12.51
N SER B 56 19.28 -7.60 -12.52
CA SER B 56 18.90 -6.68 -13.56
CA SER B 56 18.87 -6.65 -13.55
C SER B 56 19.67 -5.37 -13.42
C SER B 56 19.67 -5.36 -13.43
N ALA B 57 19.91 -4.94 -12.19
CA ALA B 57 20.75 -3.77 -11.95
C ALA B 57 22.16 -4.00 -12.47
N GLN B 58 22.67 -5.21 -12.24
CA GLN B 58 24.04 -5.53 -12.67
C GLN B 58 24.14 -5.61 -14.18
N LEU B 59 23.02 -5.94 -14.83
CA LEU B 59 23.02 -6.04 -16.28
C LEU B 59 23.36 -4.69 -16.93
N VAL B 60 22.83 -3.61 -16.38
CA VAL B 60 22.90 -2.30 -17.04
C VAL B 60 23.74 -1.27 -16.30
N GLY B 61 24.14 -1.58 -15.09
CA GLY B 61 24.93 -0.65 -14.32
C GLY B 61 25.32 -1.15 -12.94
N ASP B 62 25.25 -0.25 -11.97
CA ASP B 62 25.70 -0.51 -10.61
C ASP B 62 24.53 -0.62 -9.62
N ILE B 63 24.59 -1.61 -8.72
CA ILE B 63 23.64 -1.75 -7.64
C ILE B 63 23.73 -0.50 -6.77
N SER B 64 22.58 0.11 -6.45
CA SER B 64 22.54 1.34 -5.66
C SER B 64 21.61 1.18 -4.46
N SER B 65 21.52 2.22 -3.63
CA SER B 65 20.61 2.19 -2.50
C SER B 65 19.16 2.02 -2.96
N LEU B 66 18.82 2.59 -4.12
CA LEU B 66 17.47 2.39 -4.67
C LEU B 66 17.26 0.96 -5.18
N THR B 67 18.34 0.27 -5.53
CA THR B 67 18.23 -1.15 -5.86
C THR B 67 17.84 -1.94 -4.60
N ASP B 68 18.49 -1.62 -3.47
CA ASP B 68 18.12 -2.22 -2.19
C ASP B 68 16.65 -1.96 -1.83
N ALA B 69 16.24 -0.69 -1.89
CA ALA B 69 14.85 -0.33 -1.61
C ALA B 69 13.90 -1.11 -2.50
N SER B 70 14.25 -1.22 -3.78
CA SER B 70 13.42 -1.95 -4.75
C SER B 70 13.31 -3.44 -4.42
N ALA B 71 14.46 -4.08 -4.22
CA ALA B 71 14.50 -5.51 -3.90
C ALA B 71 13.71 -5.78 -2.62
N ALA B 72 13.88 -4.91 -1.63
CA ALA B 72 13.20 -5.07 -0.35
C ALA B 72 11.70 -4.79 -0.45
N ALA B 73 11.34 -3.78 -1.25
CA ALA B 73 9.93 -3.45 -1.45
C ALA B 73 9.22 -4.61 -2.13
N LEU B 74 9.86 -5.16 -3.16
CA LEU B 74 9.29 -6.30 -3.87
C LEU B 74 9.12 -7.50 -2.95
N GLU B 75 10.12 -7.77 -2.11
CA GLU B 75 10.03 -8.89 -1.18
C GLU B 75 8.93 -8.68 -0.11
N SER B 76 8.68 -7.44 0.27
CA SER B 76 7.61 -7.16 1.23
C SER B 76 6.25 -7.35 0.60
N ILE B 77 6.09 -6.93 -0.66
CA ILE B 77 4.84 -7.19 -1.37
C ILE B 77 4.60 -8.70 -1.45
N HIS B 78 5.61 -9.43 -1.88
CA HIS B 78 5.49 -10.88 -2.04
C HIS B 78 5.15 -11.51 -0.69
N ALA B 79 5.84 -11.10 0.36
CA ALA B 79 5.58 -11.64 1.71
C ALA B 79 4.17 -11.35 2.24
N TYR B 80 3.67 -10.13 2.00
CA TYR B 80 2.30 -9.82 2.43
C TYR B 80 1.31 -10.67 1.64
N SER B 81 1.59 -10.88 0.35
CA SER B 81 0.67 -11.62 -0.50
C SER B 81 0.56 -13.08 -0.05
N LEU B 82 1.66 -13.62 0.47
CA LEU B 82 1.65 -14.99 0.96
C LEU B 82 0.83 -15.14 2.25
N ILE B 83 0.93 -14.14 3.14
CA ILE B 83 0.15 -14.15 4.37
C ILE B 83 -1.34 -14.13 4.04
N HIS B 84 -1.76 -13.17 3.23
CA HIS B 84 -3.17 -13.05 2.91
C HIS B 84 -3.67 -14.25 2.10
N ASP B 85 -2.80 -14.81 1.27
CA ASP B 85 -3.12 -16.03 0.53
C ASP B 85 -3.42 -17.23 1.41
N ASP B 86 -2.77 -17.30 2.58
CA ASP B 86 -2.92 -18.47 3.47
C ASP B 86 -4.15 -18.40 4.39
N LEU B 87 -4.84 -17.27 4.38
CA LEU B 87 -6.02 -17.07 5.24
C LEU B 87 -7.12 -18.07 4.91
N PRO B 88 -7.88 -18.50 5.95
CA PRO B 88 -8.95 -19.50 5.82
C PRO B 88 -9.94 -19.17 4.70
N ALA B 89 -10.28 -17.90 4.53
CA ALA B 89 -11.18 -17.49 3.47
C ALA B 89 -10.60 -17.74 2.06
N MET B 90 -9.31 -18.02 1.99
CA MET B 90 -8.64 -18.27 0.72
C MET B 90 -8.44 -19.77 0.49
N PHE B 106 0.63 -17.19 14.96
CA PHE B 106 -0.03 -16.09 15.67
C PHE B 106 -1.54 -16.28 15.74
N ASP B 107 -2.30 -15.41 15.07
CA ASP B 107 -3.73 -15.61 14.86
C ASP B 107 -4.20 -14.90 13.59
N GLU B 108 -5.47 -15.11 13.22
CA GLU B 108 -5.96 -14.64 11.92
C GLU B 108 -6.01 -13.12 11.80
N ALA B 109 -6.43 -12.45 12.86
CA ALA B 109 -6.49 -10.99 12.85
C ALA B 109 -5.09 -10.39 12.71
N THR B 110 -4.13 -10.96 13.44
CA THR B 110 -2.73 -10.53 13.35
C THR B 110 -2.17 -10.70 11.94
N ALA B 111 -2.47 -11.84 11.32
CA ALA B 111 -2.02 -12.10 9.96
C ALA B 111 -2.54 -11.05 8.97
N ILE B 112 -3.82 -10.69 9.10
CA ILE B 112 -4.41 -9.69 8.23
C ILE B 112 -3.69 -8.35 8.37
N LEU B 113 -3.45 -7.94 9.62
CA LEU B 113 -2.77 -6.68 9.90
C LEU B 113 -1.30 -6.69 9.48
N ALA B 114 -0.63 -7.83 9.68
CA ALA B 114 0.77 -7.97 9.29
C ALA B 114 0.90 -7.83 7.77
N GLY B 115 0.01 -8.49 7.04
CA GLY B 115 -0.03 -8.36 5.59
C GLY B 115 -0.27 -6.93 5.16
N ASP B 116 -1.28 -6.29 5.75
CA ASP B 116 -1.54 -4.89 5.44
C ASP B 116 -0.31 -4.01 5.72
N ALA B 117 0.34 -4.24 6.85
CA ALA B 117 1.52 -3.45 7.22
C ALA B 117 2.73 -3.70 6.33
N LEU B 118 2.87 -4.96 5.89
CA LEU B 118 3.96 -5.27 4.98
C LEU B 118 3.75 -4.58 3.64
N GLN B 119 2.50 -4.45 3.20
CA GLN B 119 2.26 -3.65 1.99
C GLN B 119 2.65 -2.18 2.21
N THR B 120 2.26 -1.60 3.33
CA THR B 120 2.63 -0.18 3.55
C THR B 120 4.16 -0.05 3.66
N PHE B 121 4.80 -1.03 4.29
CA PHE B 121 6.25 -1.01 4.46
C PHE B 121 6.95 -1.02 3.10
N ALA B 122 6.37 -1.70 2.11
CA ALA B 122 6.98 -1.68 0.78
C ALA B 122 7.05 -0.24 0.25
N PHE B 123 5.99 0.53 0.44
CA PHE B 123 5.99 1.93 0.01
C PHE B 123 6.84 2.85 0.91
N GLU B 124 6.98 2.49 2.20
CA GLU B 124 7.93 3.16 3.06
C GLU B 124 9.33 3.01 2.47
N LEU B 125 9.68 1.78 2.09
CA LEU B 125 11.02 1.49 1.59
C LEU B 125 11.36 2.33 0.36
N LEU B 126 10.38 2.45 -0.53
CA LEU B 126 10.59 3.15 -1.79
C LEU B 126 10.56 4.65 -1.61
N SER B 127 9.87 5.15 -0.59
CA SER B 127 9.77 6.60 -0.43
C SER B 127 10.76 7.19 0.55
N ASN B 128 11.54 6.34 1.21
CA ASN B 128 12.59 6.80 2.10
C ASN B 128 13.61 7.66 1.37
N PRO B 129 14.16 8.66 2.06
CA PRO B 129 15.15 9.57 1.46
C PRO B 129 16.32 8.84 0.78
N THR B 130 16.62 9.21 -0.46
CA THR B 130 17.85 8.78 -1.14
C THR B 130 18.55 9.98 -1.79
N SER B 131 19.75 9.75 -2.32
CA SER B 131 20.48 10.78 -3.05
C SER B 131 19.92 10.93 -4.45
N ALA B 132 19.19 9.91 -4.90
CA ALA B 132 18.63 9.87 -6.24
C ALA B 132 17.54 10.94 -6.48
N GLN B 133 17.28 11.23 -7.76
CA GLN B 133 16.24 12.17 -8.14
C GLN B 133 14.86 11.63 -7.75
N PRO B 134 13.98 12.53 -7.27
CA PRO B 134 12.67 12.02 -6.85
C PRO B 134 11.89 11.46 -8.03
N GLU B 135 12.14 11.98 -9.24
CA GLU B 135 11.56 11.42 -10.46
C GLU B 135 11.76 9.91 -10.58
N LEU B 136 12.94 9.44 -10.17
CA LEU B 136 13.27 8.02 -10.30
C LEU B 136 12.52 7.24 -9.22
N ALA B 137 12.50 7.80 -8.02
CA ALA B 137 11.78 7.16 -6.93
C ALA B 137 10.29 7.03 -7.26
N ILE B 138 9.73 8.06 -7.87
CA ILE B 138 8.32 8.02 -8.29
C ILE B 138 8.12 6.92 -9.34
N LYS B 139 9.06 6.81 -10.28
CA LYS B 139 8.99 5.76 -11.29
C LYS B 139 8.96 4.38 -10.68
N LEU B 140 9.85 4.14 -9.72
CA LEU B 140 9.89 2.85 -9.02
C LEU B 140 8.57 2.58 -8.31
N ILE B 141 8.02 3.60 -7.69
CA ILE B 141 6.74 3.47 -7.00
C ILE B 141 5.64 3.12 -8.03
N GLN B 142 5.63 3.80 -9.17
CA GLN B 142 4.67 3.46 -10.23
C GLN B 142 4.79 2.01 -10.70
N GLU B 143 6.02 1.54 -10.86
CA GLU B 143 6.24 0.15 -11.27
C GLU B 143 5.68 -0.81 -10.23
N LEU B 144 5.92 -0.52 -8.95
CA LEU B 144 5.43 -1.42 -7.91
C LEU B 144 3.90 -1.39 -7.86
N VAL B 145 3.32 -0.20 -8.02
CA VAL B 145 1.87 -0.06 -8.03
C VAL B 145 1.24 -0.91 -9.13
N VAL B 146 1.70 -0.73 -10.35
CA VAL B 146 1.09 -1.40 -11.50
C VAL B 146 1.22 -2.92 -11.36
N ALA B 147 2.33 -3.40 -10.79
CA ALA B 147 2.54 -4.83 -10.62
C ALA B 147 1.72 -5.47 -9.50
N SER B 148 1.45 -4.69 -8.44
CA SER B 148 0.91 -5.24 -7.20
C SER B 148 -0.59 -5.11 -7.02
N GLY B 149 -1.18 -4.11 -7.65
CA GLY B 149 -2.57 -3.75 -7.34
C GLY B 149 -3.58 -4.30 -8.31
N ARG B 150 -4.63 -3.51 -8.56
CA ARG B 150 -5.72 -3.88 -9.47
C ARG B 150 -5.21 -4.21 -10.89
N ASN B 151 -4.05 -3.67 -11.26
CA ASN B 151 -3.48 -3.88 -12.59
C ASN B 151 -2.60 -5.10 -12.68
N GLY B 152 -2.41 -5.78 -11.55
CA GLY B 152 -1.47 -6.88 -11.49
C GLY B 152 -1.87 -7.95 -10.50
N MET B 153 -1.02 -8.13 -9.50
CA MET B 153 -1.13 -9.27 -8.58
C MET B 153 -2.53 -9.52 -7.96
N ILE B 154 -3.16 -8.48 -7.42
CA ILE B 154 -4.46 -8.67 -6.74
C ILE B 154 -5.53 -9.16 -7.72
N THR B 155 -5.51 -8.62 -8.93
CA THR B 155 -6.47 -9.05 -9.95
C THR B 155 -6.20 -10.51 -10.34
N GLY B 156 -4.92 -10.89 -10.38
CA GLY B 156 -4.54 -12.28 -10.56
C GLY B 156 -5.16 -13.18 -9.50
N GLN B 157 -5.02 -12.78 -8.23
CA GLN B 157 -5.62 -13.56 -7.13
C GLN B 157 -7.14 -13.62 -7.24
N MET B 158 -7.75 -12.49 -7.63
CA MET B 158 -9.18 -12.42 -7.79
C MET B 158 -9.64 -13.32 -8.93
N ILE B 159 -8.89 -13.31 -10.04
CA ILE B 159 -9.22 -14.20 -11.15
C ILE B 159 -9.16 -15.67 -10.70
N ASP B 160 -8.09 -16.02 -9.99
CA ASP B 160 -7.94 -17.37 -9.43
C ASP B 160 -9.17 -17.79 -8.58
N LEU B 161 -9.69 -16.86 -7.79
CA LEU B 161 -10.90 -17.10 -6.99
C LEU B 161 -12.11 -17.39 -7.87
N SER B 162 -12.43 -16.44 -8.74
CA SER B 162 -13.57 -16.56 -9.63
C SER B 162 -13.29 -17.57 -10.75
N SER B 163 -12.88 -18.78 -10.37
CA SER B 163 -12.48 -19.79 -11.35
C SER B 163 -12.62 -21.22 -10.84
N GLU B 164 -12.83 -21.36 -9.53
CA GLU B 164 -12.97 -22.67 -8.91
C GLU B 164 -14.30 -23.34 -9.25
N ASN B 167 -14.03 -24.20 -14.75
CA ASN B 167 -13.30 -24.73 -15.88
C ASN B 167 -12.98 -23.63 -16.90
N ILE B 168 -11.69 -23.35 -17.09
CA ILE B 168 -11.24 -22.21 -17.88
C ILE B 168 -10.28 -22.62 -18.97
N SER B 169 -10.16 -21.78 -20.01
CA SER B 169 -9.27 -22.06 -21.14
C SER B 169 -7.83 -21.73 -20.83
N LEU B 170 -6.91 -22.17 -21.69
CA LEU B 170 -5.50 -21.80 -21.60
C LEU B 170 -5.32 -20.29 -21.51
N ALA B 171 -6.04 -19.56 -22.37
CA ALA B 171 -5.92 -18.12 -22.45
C ALA B 171 -6.30 -17.48 -21.13
N GLU B 172 -7.37 -17.97 -20.53
CA GLU B 172 -7.81 -17.48 -19.24
C GLU B 172 -6.80 -17.81 -18.16
N LEU B 173 -6.32 -19.06 -18.14
CA LEU B 173 -5.27 -19.44 -17.21
C LEU B 173 -4.03 -18.55 -17.35
N GLU B 174 -3.64 -18.29 -18.60
CA GLU B 174 -2.45 -17.48 -18.88
C GLU B 174 -2.61 -16.08 -18.30
N GLN B 175 -3.75 -15.47 -18.60
CA GLN B 175 -4.10 -14.17 -18.06
C GLN B 175 -4.00 -14.14 -16.54
N MET B 176 -4.54 -15.17 -15.90
CA MET B 176 -4.46 -15.29 -14.44
C MET B 176 -3.00 -15.28 -13.97
N HIS B 177 -2.17 -16.09 -14.62
CA HIS B 177 -0.77 -16.22 -14.19
C HIS B 177 0.05 -14.96 -14.47
N VAL B 178 -0.21 -14.33 -15.61
CA VAL B 178 0.49 -13.11 -15.98
C VAL B 178 0.26 -12.03 -14.91
N HIS B 179 -0.95 -11.97 -14.37
CA HIS B 179 -1.26 -11.02 -13.29
C HIS B 179 -0.78 -11.49 -11.92
N LYS B 180 -1.19 -12.70 -11.55
CA LYS B 180 -0.93 -13.21 -10.21
C LYS B 180 0.57 -13.36 -9.93
N THR B 181 1.31 -13.78 -10.94
CA THR B 181 2.73 -14.09 -10.76
C THR B 181 3.65 -13.28 -11.68
N GLY B 182 3.28 -13.17 -12.94
CA GLY B 182 4.13 -12.52 -13.93
C GLY B 182 4.44 -11.05 -13.65
N ALA B 183 3.46 -10.31 -13.15
CA ALA B 183 3.62 -8.88 -12.97
C ALA B 183 4.75 -8.52 -11.98
N LEU B 184 4.84 -9.25 -10.87
CA LEU B 184 5.90 -8.98 -9.92
C LEU B 184 7.26 -9.40 -10.46
N ILE B 185 7.29 -10.46 -11.27
CA ILE B 185 8.53 -10.89 -11.89
C ILE B 185 9.04 -9.79 -12.82
N LYS B 186 8.12 -9.22 -13.59
CA LYS B 186 8.46 -8.17 -14.53
C LYS B 186 8.88 -6.91 -13.78
N ALA B 187 8.15 -6.60 -12.69
CA ALA B 187 8.51 -5.48 -11.85
C ALA B 187 9.94 -5.62 -11.32
N SER B 188 10.34 -6.83 -10.97
CA SER B 188 11.68 -7.06 -10.41
C SER B 188 12.76 -6.67 -11.43
N VAL B 189 12.64 -7.15 -12.66
CA VAL B 189 13.67 -6.83 -13.64
C VAL B 189 13.62 -5.35 -14.07
N ARG B 190 12.41 -4.80 -14.17
CA ARG B 190 12.27 -3.39 -14.54
C ARG B 190 12.81 -2.48 -13.45
N MET B 191 12.39 -2.71 -12.21
CA MET B 191 12.81 -1.86 -11.09
C MET B 191 14.32 -1.97 -10.85
N GLY B 192 14.87 -3.16 -11.04
CA GLY B 192 16.30 -3.36 -10.82
C GLY B 192 17.10 -2.49 -11.77
N ALA B 193 16.73 -2.52 -13.06
CA ALA B 193 17.49 -1.80 -14.08
C ALA B 193 17.29 -0.30 -13.91
N LEU B 194 16.04 0.10 -13.69
CA LEU B 194 15.70 1.51 -13.48
C LEU B 194 16.42 2.09 -12.27
N SER B 195 16.57 1.30 -11.21
CA SER B 195 17.15 1.79 -9.96
C SER B 195 18.62 2.17 -10.13
N THR B 196 19.26 1.74 -11.21
CA THR B 196 20.66 2.10 -11.45
C THR B 196 20.80 3.55 -11.88
N GLY B 197 19.69 4.15 -12.32
CA GLY B 197 19.73 5.47 -12.89
C GLY B 197 20.34 5.53 -14.29
N GLN B 198 20.62 4.37 -14.88
CA GLN B 198 21.32 4.31 -16.17
C GLN B 198 20.61 3.53 -17.26
N VAL B 199 19.40 3.03 -17.01
CA VAL B 199 18.75 2.18 -18.02
C VAL B 199 18.26 2.98 -19.23
N LYS B 200 18.39 2.37 -20.41
CA LYS B 200 17.88 2.94 -21.65
C LYS B 200 16.63 2.17 -22.06
N PRO B 201 15.71 2.84 -22.78
CA PRO B 201 14.41 2.24 -23.15
C PRO B 201 14.51 0.87 -23.80
N GLU B 202 15.43 0.73 -24.76
CA GLU B 202 15.62 -0.55 -25.43
C GLU B 202 16.02 -1.66 -24.46
N GLN B 203 16.77 -1.29 -23.41
CA GLN B 203 17.13 -2.25 -22.36
C GLN B 203 15.89 -2.71 -21.59
N LEU B 204 14.98 -1.78 -21.32
CA LEU B 204 13.74 -2.14 -20.63
C LEU B 204 12.90 -3.06 -21.49
N ALA B 205 12.86 -2.78 -22.80
CA ALA B 205 12.11 -3.62 -23.72
C ALA B 205 12.69 -5.04 -23.71
N LYS B 206 14.01 -5.14 -23.64
CA LYS B 206 14.67 -6.44 -23.56
C LYS B 206 14.34 -7.14 -22.24
N LEU B 207 14.35 -6.40 -21.14
CA LEU B 207 14.01 -6.98 -19.85
C LEU B 207 12.54 -7.43 -19.80
N ASP B 208 11.65 -6.64 -20.40
CA ASP B 208 10.25 -7.05 -20.51
C ASP B 208 10.14 -8.41 -21.22
N ALA B 209 10.86 -8.54 -22.32
CA ALA B 209 10.79 -9.75 -23.14
C ALA B 209 11.39 -10.93 -22.37
N TYR B 210 12.45 -10.67 -21.61
CA TYR B 210 13.04 -11.70 -20.77
C TYR B 210 12.03 -12.16 -19.73
N ALA B 211 11.43 -11.21 -19.03
CA ALA B 211 10.44 -11.55 -18.01
C ALA B 211 9.27 -12.34 -18.61
N HIS B 212 8.81 -11.91 -19.77
CA HIS B 212 7.68 -12.57 -20.43
C HIS B 212 8.04 -14.01 -20.77
N ALA B 213 9.24 -14.22 -21.29
CA ALA B 213 9.66 -15.56 -21.68
C ALA B 213 9.79 -16.51 -20.48
N ILE B 214 10.48 -16.07 -19.43
CA ILE B 214 10.70 -16.97 -18.29
C ILE B 214 9.39 -17.24 -17.55
N GLY B 215 8.53 -16.23 -17.50
CA GLY B 215 7.25 -16.36 -16.82
C GLY B 215 6.40 -17.45 -17.47
N LEU B 216 6.35 -17.42 -18.80
CA LEU B 216 5.57 -18.41 -19.55
C LEU B 216 6.22 -19.79 -19.47
N ALA B 217 7.55 -19.83 -19.61
CA ALA B 217 8.29 -21.08 -19.50
C ALA B 217 8.03 -21.73 -18.14
N PHE B 218 8.01 -20.90 -17.10
CA PHE B 218 7.70 -21.39 -15.76
C PHE B 218 6.32 -22.07 -15.71
N GLN B 219 5.31 -21.44 -16.31
CA GLN B 219 3.96 -22.02 -16.31
C GLN B 219 3.85 -23.30 -17.12
N VAL B 220 4.53 -23.35 -18.27
CA VAL B 220 4.55 -24.56 -19.08
C VAL B 220 5.22 -25.70 -18.29
N GLN B 221 6.38 -25.39 -17.72
CA GLN B 221 7.10 -26.35 -16.89
C GLN B 221 6.27 -26.78 -15.69
N ASP B 222 5.47 -25.88 -15.17
CA ASP B 222 4.65 -26.18 -14.00
C ASP B 222 3.51 -27.10 -14.38
N ASP B 223 3.16 -27.14 -15.67
CA ASP B 223 2.15 -28.06 -16.16
C ASP B 223 2.79 -29.43 -16.39
N ILE B 224 4.03 -29.41 -16.89
CA ILE B 224 4.81 -30.63 -17.17
C ILE B 224 5.08 -31.44 -15.90
N ILE B 225 5.70 -30.80 -14.91
CA ILE B 225 5.65 -31.27 -13.54
C ILE B 225 4.16 -31.22 -13.25
N ASP B 226 3.63 -32.25 -12.59
CA ASP B 226 2.19 -32.55 -12.42
C ASP B 226 1.90 -33.84 -13.17
N LEU B 227 2.60 -34.04 -14.28
CA LEU B 227 2.52 -35.29 -15.02
C LEU B 227 3.68 -36.20 -14.63
N LYS B 246 -9.85 -29.18 -17.69
CA LYS B 246 -8.78 -28.32 -17.19
C LYS B 246 -7.67 -28.13 -18.22
N ALA B 247 -7.56 -26.91 -18.76
CA ALA B 247 -6.59 -26.65 -19.84
C ALA B 247 -5.14 -26.63 -19.35
N THR B 248 -4.26 -27.31 -20.08
CA THR B 248 -2.82 -27.30 -19.79
C THR B 248 -2.05 -27.24 -21.10
N TYR B 249 -0.80 -26.79 -21.05
CA TYR B 249 0.05 -26.82 -22.24
C TYR B 249 0.30 -28.22 -22.80
N PRO B 250 0.63 -29.21 -21.94
CA PRO B 250 0.83 -30.56 -22.48
C PRO B 250 -0.43 -31.16 -23.10
N LYS B 251 -1.62 -30.72 -22.69
CA LYS B 251 -2.82 -31.23 -23.33
C LYS B 251 -2.91 -30.70 -24.75
N LEU B 252 -2.49 -29.44 -24.93
CA LEU B 252 -2.52 -28.82 -26.24
C LEU B 252 -1.45 -29.40 -27.17
N LEU B 253 -0.22 -29.43 -26.69
CA LEU B 253 0.94 -29.74 -27.53
C LEU B 253 1.48 -31.16 -27.37
N GLY B 254 1.02 -31.88 -26.35
CA GLY B 254 1.63 -33.15 -25.99
C GLY B 254 2.77 -32.89 -25.03
N LEU B 255 3.27 -33.94 -24.38
CA LEU B 255 4.33 -33.75 -23.40
C LEU B 255 5.64 -33.31 -24.06
N ASP B 256 5.99 -33.95 -25.18
CA ASP B 256 7.22 -33.58 -25.91
C ASP B 256 7.13 -32.17 -26.47
N GLY B 257 5.98 -31.82 -27.06
CA GLY B 257 5.75 -30.48 -27.58
C GLY B 257 5.87 -29.40 -26.51
N ALA B 258 5.34 -29.68 -25.33
CA ALA B 258 5.43 -28.74 -24.22
C ALA B 258 6.88 -28.60 -23.74
N LYS B 259 7.60 -29.71 -23.63
CA LYS B 259 9.01 -29.64 -23.23
C LYS B 259 9.80 -28.82 -24.22
N ALA B 260 9.56 -29.03 -25.51
CA ALA B 260 10.26 -28.27 -26.54
C ALA B 260 10.00 -26.76 -26.41
N LEU B 261 8.76 -26.40 -26.10
CA LEU B 261 8.39 -24.99 -25.97
C LEU B 261 9.18 -24.35 -24.84
N VAL B 262 9.30 -25.07 -23.72
CA VAL B 262 10.08 -24.57 -22.58
C VAL B 262 11.52 -24.26 -22.99
N VAL B 263 12.18 -25.23 -23.64
CA VAL B 263 13.56 -25.06 -24.08
C VAL B 263 13.65 -23.82 -25.00
N ARG B 264 12.63 -23.66 -25.84
CA ARG B 264 12.53 -22.55 -26.77
C ARG B 264 12.38 -21.20 -26.04
N LEU B 265 11.49 -21.14 -25.06
CA LEU B 265 11.24 -19.92 -24.30
C LEU B 265 12.47 -19.51 -23.48
N HIS B 266 13.14 -20.51 -22.91
CA HIS B 266 14.36 -20.27 -22.16
C HIS B 266 15.43 -19.65 -23.09
N GLU B 267 15.55 -20.21 -24.29
CA GLU B 267 16.50 -19.65 -25.25
C GLU B 267 16.13 -18.21 -25.62
N GLN B 268 14.83 -17.95 -25.81
CA GLN B 268 14.37 -16.59 -26.11
C GLN B 268 14.72 -15.61 -24.99
N ALA B 269 14.51 -16.03 -23.74
CA ALA B 269 14.87 -15.19 -22.61
C ALA B 269 16.37 -14.86 -22.61
N ILE B 270 17.20 -15.88 -22.82
CA ILE B 270 18.64 -15.69 -22.90
C ILE B 270 19.00 -14.71 -24.01
N ALA B 271 18.32 -14.87 -25.15
CA ALA B 271 18.62 -14.06 -26.32
C ALA B 271 18.43 -12.56 -26.06
N GLN B 272 17.61 -12.21 -25.06
CA GLN B 272 17.35 -10.80 -24.77
C GLN B 272 18.50 -10.14 -24.01
N ILE B 273 19.31 -10.95 -23.33
CA ILE B 273 20.33 -10.41 -22.43
C ILE B 273 21.79 -10.77 -22.74
N SER B 274 22.00 -11.78 -23.59
CA SER B 274 23.35 -12.29 -23.84
C SER B 274 24.32 -11.26 -24.41
N GLU B 275 23.79 -10.21 -25.04
CA GLU B 275 24.65 -9.20 -25.67
C GLU B 275 25.41 -8.43 -24.59
N PHE B 276 24.97 -8.53 -23.35
CA PHE B 276 25.65 -7.83 -22.26
C PHE B 276 26.84 -8.61 -21.70
N GLY B 277 27.14 -9.77 -22.28
CA GLY B 277 28.31 -10.53 -21.90
C GLY B 277 28.20 -11.03 -20.46
N ASP B 278 29.32 -10.98 -19.74
CA ASP B 278 29.38 -11.53 -18.38
C ASP B 278 28.45 -10.84 -17.38
N LYS B 279 28.17 -9.55 -17.60
CA LYS B 279 27.15 -8.85 -16.82
C LYS B 279 25.78 -9.54 -16.85
N SER B 280 25.53 -10.37 -17.86
CA SER B 280 24.25 -11.05 -17.95
C SER B 280 24.24 -12.38 -17.21
N GLN B 281 25.36 -12.71 -16.56
CA GLN B 281 25.48 -14.00 -15.88
C GLN B 281 24.38 -14.26 -14.84
N PRO B 282 24.19 -13.31 -13.89
CA PRO B 282 23.13 -13.56 -12.90
C PRO B 282 21.75 -13.78 -13.50
N LEU B 283 21.31 -12.96 -14.45
CA LEU B 283 20.00 -13.20 -15.06
C LEU B 283 20.00 -14.50 -15.87
N THR B 284 21.16 -14.88 -16.40
CA THR B 284 21.27 -16.13 -17.16
C THR B 284 21.09 -17.31 -16.23
N ASP B 285 21.82 -17.29 -15.12
CA ASP B 285 21.71 -18.37 -14.13
C ASP B 285 20.30 -18.43 -13.53
N LEU B 286 19.73 -17.26 -13.24
CA LEU B 286 18.35 -17.20 -12.75
C LEU B 286 17.32 -17.78 -13.72
N ALA B 287 17.53 -17.59 -15.03
CA ALA B 287 16.59 -18.15 -16.01
C ALA B 287 16.63 -19.68 -15.97
N ASN B 288 17.85 -20.24 -15.94
CA ASN B 288 18.04 -21.68 -15.81
C ASN B 288 17.32 -22.22 -14.57
N TYR B 289 17.22 -21.37 -13.54
CA TYR B 289 16.81 -21.77 -12.20
C TYR B 289 15.32 -21.60 -11.90
N ILE B 290 14.73 -20.52 -12.41
CA ILE B 290 13.30 -20.27 -12.30
C ILE B 290 12.51 -21.34 -13.11
N ILE B 291 13.15 -21.85 -14.15
CA ILE B 291 12.54 -22.84 -15.04
C ILE B 291 12.85 -24.27 -14.54
N ASP B 292 13.62 -24.36 -13.44
CA ASP B 292 13.95 -25.63 -12.81
C ASP B 292 14.68 -26.59 -13.75
S SO4 C . 8.87 19.27 -7.05
O1 SO4 C . 8.21 19.91 -8.19
O2 SO4 C . 9.77 20.20 -6.39
O3 SO4 C . 7.83 18.84 -6.11
O4 SO4 C . 9.64 18.13 -7.55
C1 GOL D . -15.89 8.10 8.83
O1 GOL D . -15.04 8.93 9.61
C2 GOL D . -16.65 8.95 7.82
O2 GOL D . -15.77 9.60 6.90
C3 GOL D . -17.67 8.04 7.13
O3 GOL D . -17.17 6.72 7.04
C1 GOL E . 9.39 -18.39 -2.32
O1 GOL E . 8.77 -17.92 -1.14
C2 GOL E . 9.49 -17.23 -3.31
O2 GOL E . 8.84 -17.52 -4.55
C3 GOL E . 10.95 -16.96 -3.60
O3 GOL E . 11.17 -15.58 -3.49
CL CL F . 13.95 11.11 -2.79
#